data_5FYD
#
_entry.id   5FYD
#
_cell.length_a   114.770
_cell.length_b   83.040
_cell.length_c   47.910
_cell.angle_alpha   90.00
_cell.angle_beta   90.00
_cell.angle_gamma   90.00
#
_symmetry.space_group_name_H-M   'P 21 21 2'
#
loop_
_entity.id
_entity.type
_entity.pdbx_description
1 polymer 'OXIDOREDUCTASE, SHORT CHAIN DEHYDROGENASE/REDUCTASE FAMILY PROTEIN'
2 non-polymer GLYCEROL
3 water water
#
_entity_poly.entity_id   1
_entity_poly.type   'polypeptide(L)'
_entity_poly.pdbx_seq_one_letter_code
;MNLREKYGEWGLILGATEGVGKAFCEKIAAGGMNVVMVGRREEKLNVLAGEIRETYGVETKVVRADFSQPGAAETVFAAT
EGLDMGFMSYVACLHSFGKIQDTPWEKHEAMINVNVVTFLKCFHHYMRIFAAQDRGAVINVSSMTGISSSPWNGQYGAGK
AFILKMTEAVACECEGTGVDVEVITLGTTLTPSLLSNLPGGPQGEAVMKIALTPEECVDEAFEKLGKELSVIAGQRNKDS
VHDWKANHTEDEYIRYMGSFYRD
;
_entity_poly.pdbx_strand_id   A,B
#
loop_
_chem_comp.id
_chem_comp.type
_chem_comp.name
_chem_comp.formula
GOL non-polymer GLYCEROL 'C3 H8 O3'
#
# COMPACT_ATOMS: atom_id res chain seq x y z
N MET A 1 -7.93 -21.98 -31.66
CA MET A 1 -8.76 -20.72 -31.77
C MET A 1 -8.35 -19.77 -30.65
N ASN A 2 -8.14 -18.49 -30.99
CA ASN A 2 -7.74 -17.50 -29.99
C ASN A 2 -8.95 -16.65 -29.56
N LEU A 3 -8.74 -15.75 -28.60
CA LEU A 3 -9.84 -14.97 -28.02
C LEU A 3 -10.54 -14.08 -29.02
N ARG A 4 -9.76 -13.48 -29.93
CA ARG A 4 -10.37 -12.62 -30.95
C ARG A 4 -11.34 -13.41 -31.81
N GLU A 5 -10.92 -14.60 -32.26
CA GLU A 5 -11.76 -15.44 -33.11
C GLU A 5 -12.98 -15.97 -32.35
N LYS A 6 -12.80 -16.32 -31.09
CA LYS A 6 -13.87 -16.94 -30.31
C LYS A 6 -14.92 -15.93 -29.85
N TYR A 7 -14.45 -14.78 -29.38
CA TYR A 7 -15.34 -13.80 -28.73
C TYR A 7 -15.61 -12.48 -29.44
N GLY A 8 -14.59 -11.88 -30.03
CA GLY A 8 -14.78 -10.64 -30.80
C GLY A 8 -13.54 -9.79 -30.91
N GLU A 9 -13.64 -8.67 -31.61
CA GLU A 9 -12.44 -7.90 -31.96
C GLU A 9 -11.77 -7.16 -30.83
N TRP A 10 -12.57 -6.57 -29.93
CA TRP A 10 -12.06 -5.73 -28.88
C TRP A 10 -12.43 -6.24 -27.50
N GLY A 11 -11.48 -6.13 -26.57
CA GLY A 11 -11.72 -6.41 -25.16
C GLY A 11 -11.54 -5.14 -24.35
N LEU A 12 -12.33 -5.01 -23.29
CA LEU A 12 -12.42 -3.80 -22.49
C LEU A 12 -11.96 -4.15 -21.11
N ILE A 13 -10.88 -3.52 -20.67
CA ILE A 13 -10.39 -3.71 -19.33
C ILE A 13 -10.66 -2.44 -18.52
N LEU A 14 -11.54 -2.57 -17.54
CA LEU A 14 -11.98 -1.44 -16.72
C LEU A 14 -11.15 -1.42 -15.44
N GLY A 15 -10.08 -0.63 -15.45
CA GLY A 15 -9.12 -0.58 -14.37
C GLY A 15 -7.83 -1.23 -14.82
N ALA A 16 -7.15 -0.61 -15.78
CA ALA A 16 -6.15 -1.30 -16.58
C ALA A 16 -4.69 -1.10 -16.18
N THR A 17 -4.38 -0.19 -15.27
CA THR A 17 -2.97 0.16 -15.04
C THR A 17 -2.30 -0.60 -13.90
N GLU A 18 -3.03 -0.94 -12.85
CA GLU A 18 -2.45 -1.73 -11.77
C GLU A 18 -2.31 -3.20 -12.21
N GLY A 19 -1.43 -3.92 -11.50
CA GLY A 19 -1.27 -5.36 -11.55
C GLY A 19 -2.25 -6.21 -12.32
N VAL A 20 -3.41 -6.54 -11.72
CA VAL A 20 -4.35 -7.47 -12.33
C VAL A 20 -4.93 -6.88 -13.64
N GLY A 21 -5.23 -5.59 -13.65
CA GLY A 21 -5.66 -4.92 -14.85
C GLY A 21 -4.69 -5.05 -16.01
N LYS A 22 -3.43 -4.73 -15.71
CA LYS A 22 -2.39 -4.84 -16.69
C LYS A 22 -2.26 -6.26 -17.22
N ALA A 23 -2.36 -7.24 -16.34
CA ALA A 23 -2.24 -8.62 -16.77
C ALA A 23 -3.42 -9.05 -17.65
N PHE A 24 -4.62 -8.50 -17.39
CA PHE A 24 -5.75 -8.74 -18.31
C PHE A 24 -5.46 -8.17 -19.71
N CYS A 25 -4.90 -6.97 -19.77
CA CYS A 25 -4.59 -6.34 -21.06
C CYS A 25 -3.61 -7.21 -21.84
N GLU A 26 -2.58 -7.66 -21.15
CA GLU A 26 -1.55 -8.48 -21.82
C GLU A 26 -2.11 -9.80 -22.27
N LYS A 27 -2.95 -10.44 -21.44
CA LYS A 27 -3.52 -11.75 -21.78
C LYS A 27 -4.45 -11.66 -23.01
N ILE A 28 -5.34 -10.68 -23.06
CA ILE A 28 -6.23 -10.58 -24.21
C ILE A 28 -5.48 -10.16 -25.49
N ALA A 29 -4.45 -9.33 -25.34
CA ALA A 29 -3.62 -8.96 -26.48
C ALA A 29 -2.87 -10.17 -27.01
N ALA A 30 -2.31 -10.99 -26.11
CA ALA A 30 -1.68 -12.26 -26.51
C ALA A 30 -2.66 -13.18 -27.22
N GLY A 31 -3.92 -13.12 -26.80
CA GLY A 31 -5.02 -13.82 -27.45
C GLY A 31 -5.57 -13.16 -28.70
N GLY A 32 -4.90 -12.11 -29.19
CA GLY A 32 -5.24 -11.46 -30.44
C GLY A 32 -6.26 -10.33 -30.39
N MET A 33 -6.77 -9.99 -29.20
CA MET A 33 -7.78 -8.94 -29.11
C MET A 33 -7.14 -7.56 -29.06
N ASN A 34 -7.80 -6.63 -29.72
CA ASN A 34 -7.46 -5.21 -29.57
C ASN A 34 -7.97 -4.79 -28.19
N VAL A 35 -7.34 -3.79 -27.59
CA VAL A 35 -7.56 -3.54 -26.16
C VAL A 35 -8.05 -2.11 -25.92
N VAL A 36 -9.20 -1.99 -25.26
CA VAL A 36 -9.66 -0.71 -24.74
C VAL A 36 -9.26 -0.74 -23.29
N MET A 37 -8.40 0.18 -22.87
CA MET A 37 -7.88 0.22 -21.51
C MET A 37 -8.35 1.50 -20.84
N VAL A 38 -8.93 1.34 -19.66
CA VAL A 38 -9.62 2.42 -18.98
C VAL A 38 -9.12 2.56 -17.57
N GLY A 39 -8.90 3.82 -17.18
CA GLY A 39 -8.47 4.13 -15.83
C GLY A 39 -8.27 5.61 -15.66
N ARG A 40 -7.95 6.02 -14.43
CA ARG A 40 -7.81 7.45 -14.14
C ARG A 40 -6.44 8.04 -14.50
N ARG A 41 -5.40 7.21 -14.52
CA ARG A 41 -4.02 7.67 -14.78
C ARG A 41 -3.68 7.57 -16.28
N GLU A 42 -4.03 8.63 -17.00
CA GLU A 42 -3.95 8.65 -18.47
C GLU A 42 -2.53 8.45 -19.01
N GLU A 43 -1.57 9.12 -18.38
CA GLU A 43 -0.16 8.98 -18.76
C GLU A 43 0.30 7.52 -18.67
N LYS A 44 -0.06 6.85 -17.57
CA LYS A 44 0.34 5.48 -17.33
C LYS A 44 -0.33 4.56 -18.36
N LEU A 45 -1.62 4.80 -18.61
CA LEU A 45 -2.36 4.07 -19.65
C LEU A 45 -1.71 4.24 -21.03
N ASN A 46 -1.30 5.46 -21.36
CA ASN A 46 -0.62 5.71 -22.63
C ASN A 46 0.69 4.93 -22.75
N VAL A 47 1.47 4.86 -21.68
CA VAL A 47 2.70 4.09 -21.68
C VAL A 47 2.37 2.62 -21.92
N LEU A 48 1.42 2.09 -21.14
CA LEU A 48 1.00 0.69 -21.28
C LEU A 48 0.48 0.39 -22.69
N ALA A 49 -0.33 1.29 -23.24
CA ALA A 49 -0.86 1.10 -24.59
C ALA A 49 0.25 0.97 -25.63
N GLY A 50 1.27 1.82 -25.53
CA GLY A 50 2.42 1.73 -26.44
C GLY A 50 3.17 0.42 -26.29
N GLU A 51 3.31 -0.04 -25.04
CA GLU A 51 3.94 -1.34 -24.77
C GLU A 51 3.15 -2.50 -25.36
N ILE A 52 1.82 -2.42 -25.23
CA ILE A 52 0.94 -3.45 -25.76
C ILE A 52 1.05 -3.47 -27.29
N ARG A 53 0.97 -2.30 -27.92
CA ARG A 53 1.09 -2.24 -29.38
C ARG A 53 2.42 -2.84 -29.85
N GLU A 54 3.51 -2.45 -29.19
CA GLU A 54 4.86 -2.87 -29.60
C GLU A 54 5.13 -4.37 -29.34
N THR A 55 4.57 -4.90 -28.26
CA THR A 55 4.76 -6.29 -27.91
C THR A 55 3.85 -7.24 -28.67
N TYR A 56 2.58 -6.87 -28.84
CA TYR A 56 1.54 -7.78 -29.34
C TYR A 56 0.99 -7.47 -30.72
N GLY A 57 1.23 -6.26 -31.23
CA GLY A 57 0.75 -5.91 -32.57
C GLY A 57 -0.76 -5.81 -32.65
N VAL A 58 -1.40 -5.47 -31.54
CA VAL A 58 -2.84 -5.22 -31.53
C VAL A 58 -3.09 -3.73 -31.49
N GLU A 59 -4.32 -3.35 -31.81
CA GLU A 59 -4.73 -1.95 -31.68
C GLU A 59 -5.08 -1.67 -30.23
N THR A 60 -4.93 -0.40 -29.84
CA THR A 60 -5.29 0.03 -28.50
C THR A 60 -6.17 1.27 -28.55
N LYS A 61 -6.96 1.46 -27.50
CA LYS A 61 -7.69 2.70 -27.27
C LYS A 61 -7.61 2.99 -25.80
N VAL A 62 -7.20 4.21 -25.47
CA VAL A 62 -7.02 4.62 -24.07
C VAL A 62 -8.19 5.51 -23.72
N VAL A 63 -8.84 5.21 -22.60
CA VAL A 63 -9.97 5.99 -22.12
C VAL A 63 -9.65 6.43 -20.68
N ARG A 64 -9.53 7.73 -20.46
CA ARG A 64 -9.37 8.24 -19.12
C ARG A 64 -10.75 8.37 -18.49
N ALA A 65 -10.98 7.63 -17.41
CA ALA A 65 -12.20 7.77 -16.62
C ALA A 65 -11.92 7.43 -15.17
N ASP A 66 -12.56 8.16 -14.26
CA ASP A 66 -12.42 7.91 -12.84
C ASP A 66 -13.71 7.23 -12.41
N PHE A 67 -13.64 5.93 -12.07
CA PHE A 67 -14.88 5.17 -11.82
C PHE A 67 -15.65 5.59 -10.56
N SER A 68 -15.01 6.40 -9.70
CA SER A 68 -15.69 6.96 -8.54
C SER A 68 -16.60 8.14 -8.92
N GLN A 69 -16.52 8.61 -10.17
CA GLN A 69 -17.19 9.86 -10.57
C GLN A 69 -18.40 9.59 -11.44
N PRO A 70 -19.46 10.40 -11.28
CA PRO A 70 -20.59 10.25 -12.18
C PRO A 70 -20.18 10.52 -13.64
N GLY A 71 -20.76 9.75 -14.55
CA GLY A 71 -20.47 9.84 -15.98
C GLY A 71 -19.33 8.97 -16.48
N ALA A 72 -18.63 8.26 -15.58
CA ALA A 72 -17.47 7.47 -15.99
C ALA A 72 -17.90 6.39 -16.98
N ALA A 73 -18.96 5.66 -16.68
CA ALA A 73 -19.41 4.58 -17.54
C ALA A 73 -19.81 5.10 -18.92
N GLU A 74 -20.55 6.21 -18.95
CA GLU A 74 -20.93 6.84 -20.21
C GLU A 74 -19.75 7.27 -21.08
N THR A 75 -18.66 7.71 -20.46
CA THR A 75 -17.42 8.04 -21.17
C THR A 75 -16.90 6.79 -21.86
N VAL A 76 -16.93 5.68 -21.14
CA VAL A 76 -16.50 4.40 -21.71
C VAL A 76 -17.41 3.98 -22.87
N PHE A 77 -18.72 4.05 -22.67
CA PHE A 77 -19.66 3.62 -23.70
C PHE A 77 -19.49 4.41 -24.98
N ALA A 78 -19.23 5.72 -24.84
CA ALA A 78 -19.02 6.55 -26.02
C ALA A 78 -17.74 6.14 -26.75
N ALA A 79 -16.71 5.80 -25.99
CA ALA A 79 -15.41 5.34 -26.53
C ALA A 79 -15.50 4.03 -27.30
N THR A 80 -16.34 3.11 -26.85
CA THR A 80 -16.45 1.81 -27.53
C THR A 80 -17.55 1.69 -28.58
N GLU A 81 -18.39 2.71 -28.73
CA GLU A 81 -19.51 2.62 -29.68
C GLU A 81 -18.95 2.34 -31.08
N GLY A 82 -19.54 1.37 -31.77
CA GLY A 82 -19.09 0.98 -33.11
C GLY A 82 -17.99 -0.07 -33.17
N LEU A 83 -17.34 -0.37 -32.05
CA LEU A 83 -16.38 -1.47 -31.96
C LEU A 83 -17.09 -2.81 -31.86
N ASP A 84 -16.52 -3.83 -32.50
CA ASP A 84 -16.99 -5.19 -32.27
C ASP A 84 -16.41 -5.66 -30.94
N MET A 85 -17.28 -5.81 -29.94
CA MET A 85 -16.85 -6.11 -28.55
C MET A 85 -16.91 -7.62 -28.31
N GLY A 86 -15.82 -8.16 -27.76
CA GLY A 86 -15.78 -9.57 -27.37
C GLY A 86 -15.59 -9.87 -25.89
N PHE A 87 -15.07 -8.91 -25.14
CA PHE A 87 -14.64 -9.17 -23.77
C PHE A 87 -14.78 -7.96 -22.90
N MET A 88 -15.18 -8.17 -21.65
CA MET A 88 -15.13 -7.12 -20.62
C MET A 88 -14.60 -7.71 -19.33
N SER A 89 -13.76 -6.96 -18.64
CA SER A 89 -13.40 -7.28 -17.25
C SER A 89 -13.51 -6.03 -16.40
N TYR A 90 -14.25 -6.13 -15.29
CA TYR A 90 -14.28 -5.07 -14.29
C TYR A 90 -13.26 -5.40 -13.20
N VAL A 91 -12.19 -4.62 -13.15
CA VAL A 91 -11.07 -4.82 -12.25
C VAL A 91 -10.94 -3.74 -11.18
N ALA A 92 -11.44 -2.54 -11.44
CA ALA A 92 -11.22 -1.43 -10.53
C ALA A 92 -11.86 -1.68 -9.19
N CYS A 93 -11.24 -1.17 -8.15
N CYS A 93 -11.23 -1.15 -8.16
CA CYS A 93 -11.83 -1.24 -6.81
CA CYS A 93 -11.70 -1.28 -6.79
C CYS A 93 -11.31 -0.11 -5.96
C CYS A 93 -11.35 0.00 -6.04
N LEU A 94 -12.16 0.34 -5.04
CA LEU A 94 -11.82 1.42 -4.13
C LEU A 94 -12.20 0.98 -2.74
N HIS A 95 -11.25 1.10 -1.83
CA HIS A 95 -11.52 0.85 -0.42
C HIS A 95 -10.86 1.93 0.41
N SER A 96 -11.28 2.00 1.66
CA SER A 96 -10.83 3.09 2.52
C SER A 96 -10.93 2.65 3.95
N PHE A 97 -9.79 2.63 4.63
CA PHE A 97 -9.73 2.21 6.01
C PHE A 97 -10.56 3.12 6.90
N GLY A 98 -11.28 2.51 7.82
CA GLY A 98 -12.04 3.21 8.85
C GLY A 98 -13.29 2.47 9.21
N LYS A 99 -13.72 2.59 10.47
CA LYS A 99 -15.05 2.18 10.85
C LYS A 99 -16.06 2.96 10.01
N ILE A 100 -17.26 2.40 9.88
CA ILE A 100 -18.31 3.00 9.04
C ILE A 100 -18.53 4.50 9.37
N GLN A 101 -18.65 4.81 10.66
CA GLN A 101 -18.93 6.18 11.12
C GLN A 101 -17.75 7.16 10.94
N ASP A 102 -16.54 6.64 10.78
CA ASP A 102 -15.33 7.46 10.62
C ASP A 102 -15.01 7.80 9.18
N THR A 103 -15.78 7.27 8.24
CA THR A 103 -15.56 7.52 6.83
C THR A 103 -16.67 8.47 6.38
N PRO A 104 -16.32 9.63 5.80
CA PRO A 104 -17.32 10.62 5.42
C PRO A 104 -18.18 10.10 4.28
N TRP A 105 -19.42 10.57 4.19
CA TRP A 105 -20.33 10.10 3.16
C TRP A 105 -19.74 10.23 1.76
N GLU A 106 -19.08 11.35 1.45
CA GLU A 106 -18.48 11.55 0.12
C GLU A 106 -17.60 10.35 -0.28
N LYS A 107 -16.84 9.81 0.68
CA LYS A 107 -15.96 8.65 0.42
C LYS A 107 -16.78 7.36 0.29
N HIS A 108 -17.79 7.18 1.13
CA HIS A 108 -18.71 6.06 0.93
C HIS A 108 -19.36 6.06 -0.45
N GLU A 109 -19.74 7.25 -0.91
CA GLU A 109 -20.37 7.33 -2.21
C GLU A 109 -19.37 7.03 -3.31
N ALA A 110 -18.13 7.47 -3.14
CA ALA A 110 -17.07 7.16 -4.10
C ALA A 110 -16.92 5.65 -4.21
N MET A 111 -16.93 4.96 -3.08
CA MET A 111 -16.79 3.49 -3.07
C MET A 111 -17.98 2.81 -3.72
N ILE A 112 -19.19 3.25 -3.37
CA ILE A 112 -20.37 2.76 -4.06
C ILE A 112 -20.27 2.92 -5.59
N ASN A 113 -19.77 4.08 -6.01
CA ASN A 113 -19.63 4.34 -7.44
C ASN A 113 -18.66 3.38 -8.11
N VAL A 114 -17.51 3.15 -7.49
CA VAL A 114 -16.51 2.26 -8.09
C VAL A 114 -16.98 0.80 -8.04
N ASN A 115 -17.43 0.34 -6.89
CA ASN A 115 -17.61 -1.10 -6.69
C ASN A 115 -19.00 -1.60 -7.08
N VAL A 116 -19.96 -0.69 -7.13
CA VAL A 116 -21.37 -1.04 -7.39
C VAL A 116 -21.95 -0.37 -8.63
N VAL A 117 -21.99 0.96 -8.66
CA VAL A 117 -22.71 1.67 -9.72
C VAL A 117 -22.01 1.62 -11.09
N THR A 118 -20.78 2.10 -11.15
CA THR A 118 -20.02 2.01 -12.40
C THR A 118 -19.86 0.57 -12.83
N PHE A 119 -19.58 -0.31 -11.87
CA PHE A 119 -19.56 -1.75 -12.11
C PHE A 119 -20.82 -2.23 -12.83
N LEU A 120 -21.98 -1.97 -12.23
CA LEU A 120 -23.21 -2.50 -12.79
C LEU A 120 -23.60 -1.83 -14.12
N LYS A 121 -23.37 -0.53 -14.26
CA LYS A 121 -23.63 0.15 -15.52
C LYS A 121 -22.85 -0.53 -16.64
N CYS A 122 -21.57 -0.78 -16.38
CA CYS A 122 -20.73 -1.40 -17.38
C CYS A 122 -21.19 -2.82 -17.65
N PHE A 123 -21.42 -3.59 -16.58
CA PHE A 123 -21.82 -5.00 -16.74
C PHE A 123 -23.12 -5.09 -17.54
N HIS A 124 -24.07 -4.22 -17.21
CA HIS A 124 -25.36 -4.19 -17.89
C HIS A 124 -25.22 -3.83 -19.36
N HIS A 125 -24.48 -2.78 -19.64
CA HIS A 125 -24.35 -2.26 -20.99
C HIS A 125 -23.69 -3.31 -21.91
N TYR A 126 -22.57 -3.88 -21.46
CA TYR A 126 -21.87 -4.87 -22.28
C TYR A 126 -22.58 -6.21 -22.32
N MET A 127 -23.32 -6.57 -21.26
CA MET A 127 -24.17 -7.76 -21.34
C MET A 127 -25.27 -7.64 -22.39
N ARG A 128 -25.83 -6.45 -22.55
CA ARG A 128 -26.80 -6.19 -23.62
C ARG A 128 -26.19 -6.44 -24.99
N ILE A 129 -24.98 -5.95 -25.18
CA ILE A 129 -24.30 -6.14 -26.46
C ILE A 129 -24.00 -7.63 -26.68
N PHE A 130 -23.36 -8.25 -25.68
CA PHE A 130 -22.95 -9.64 -25.81
C PHE A 130 -24.15 -10.59 -26.02
N ALA A 131 -25.23 -10.35 -25.28
CA ALA A 131 -26.41 -11.21 -25.38
C ALA A 131 -27.11 -11.04 -26.73
N ALA A 132 -27.15 -9.81 -27.25
CA ALA A 132 -27.80 -9.54 -28.54
C ALA A 132 -27.09 -10.23 -29.71
N GLN A 133 -25.76 -10.30 -29.66
CA GLN A 133 -24.97 -10.99 -30.69
C GLN A 133 -24.72 -12.46 -30.32
N ASP A 134 -25.20 -12.87 -29.15
CA ASP A 134 -24.98 -14.19 -28.57
C ASP A 134 -23.51 -14.61 -28.64
N ARG A 135 -22.65 -13.69 -28.24
CA ARG A 135 -21.25 -13.92 -28.32
C ARG A 135 -20.52 -12.90 -27.43
N GLY A 136 -19.62 -13.40 -26.57
CA GLY A 136 -18.82 -12.54 -25.71
C GLY A 136 -18.36 -13.18 -24.44
N ALA A 137 -17.55 -12.46 -23.68
CA ALA A 137 -17.08 -12.97 -22.41
C ALA A 137 -16.90 -11.88 -21.39
N VAL A 138 -17.21 -12.18 -20.14
CA VAL A 138 -16.97 -11.27 -19.04
C VAL A 138 -16.25 -12.03 -17.94
N ILE A 139 -15.16 -11.47 -17.44
CA ILE A 139 -14.55 -11.96 -16.19
C ILE A 139 -14.46 -10.80 -15.25
N ASN A 140 -15.23 -10.83 -14.18
CA ASN A 140 -15.16 -9.79 -13.19
C ASN A 140 -14.35 -10.25 -12.00
N VAL A 141 -13.71 -9.30 -11.33
CA VAL A 141 -12.79 -9.58 -10.25
C VAL A 141 -13.43 -9.26 -8.90
N SER A 142 -13.50 -10.25 -8.04
CA SER A 142 -13.87 -10.05 -6.64
C SER A 142 -12.68 -10.28 -5.70
N SER A 143 -12.98 -10.29 -4.41
CA SER A 143 -11.98 -10.41 -3.37
C SER A 143 -12.49 -11.32 -2.28
N MET A 144 -11.57 -12.05 -1.66
CA MET A 144 -11.89 -12.85 -0.51
C MET A 144 -12.58 -12.06 0.63
N THR A 145 -12.37 -10.74 0.70
CA THR A 145 -13.11 -9.89 1.63
C THR A 145 -14.62 -9.94 1.38
N GLY A 146 -15.02 -10.20 0.14
CA GLY A 146 -16.43 -10.41 -0.19
C GLY A 146 -17.05 -11.66 0.41
N ILE A 147 -16.21 -12.61 0.83
CA ILE A 147 -16.61 -13.80 1.53
C ILE A 147 -16.46 -13.68 3.05
N SER A 148 -15.32 -13.13 3.49
CA SER A 148 -15.02 -13.04 4.92
C SER A 148 -15.66 -11.85 5.62
N SER A 149 -16.05 -10.84 4.84
CA SER A 149 -16.28 -9.47 5.32
C SER A 149 -14.96 -8.78 5.69
N SER A 150 -15.00 -7.48 5.90
CA SER A 150 -13.77 -6.71 6.10
C SER A 150 -13.97 -5.62 7.16
N PRO A 151 -14.07 -6.03 8.45
CA PRO A 151 -14.11 -5.08 9.57
C PRO A 151 -13.01 -4.03 9.44
N TRP A 152 -13.36 -2.78 9.76
CA TRP A 152 -12.51 -1.58 9.62
C TRP A 152 -12.27 -1.15 8.16
N ASN A 153 -12.95 -1.80 7.22
CA ASN A 153 -12.94 -1.41 5.82
C ASN A 153 -14.18 -2.02 5.16
N GLY A 154 -15.31 -1.81 5.80
CA GLY A 154 -16.56 -2.54 5.52
C GLY A 154 -16.99 -2.55 4.06
N GLN A 155 -16.85 -1.40 3.40
CA GLN A 155 -17.28 -1.33 1.99
C GLN A 155 -16.43 -2.12 0.98
N TYR A 156 -15.19 -2.46 1.34
CA TYR A 156 -14.32 -3.35 0.52
C TYR A 156 -15.07 -4.66 0.27
N GLY A 157 -15.36 -5.36 1.36
CA GLY A 157 -16.03 -6.62 1.28
C GLY A 157 -17.45 -6.48 0.77
N ALA A 158 -18.15 -5.42 1.16
CA ALA A 158 -19.55 -5.26 0.76
C ALA A 158 -19.65 -5.10 -0.75
N GLY A 159 -18.85 -4.19 -1.30
CA GLY A 159 -18.79 -3.96 -2.73
C GLY A 159 -18.31 -5.17 -3.49
N LYS A 160 -17.26 -5.83 -3.00
CA LYS A 160 -16.77 -7.02 -3.66
C LYS A 160 -17.79 -8.16 -3.60
N ALA A 161 -18.58 -8.23 -2.52
CA ALA A 161 -19.65 -9.23 -2.45
C ALA A 161 -20.76 -8.93 -3.45
N PHE A 162 -21.06 -7.65 -3.66
CA PHE A 162 -22.03 -7.26 -4.70
C PHE A 162 -21.55 -7.77 -6.06
N ILE A 163 -20.29 -7.50 -6.38
CA ILE A 163 -19.71 -7.94 -7.65
C ILE A 163 -19.76 -9.46 -7.75
N LEU A 164 -19.39 -10.13 -6.66
CA LEU A 164 -19.37 -11.60 -6.64
C LEU A 164 -20.77 -12.16 -6.94
N LYS A 165 -21.72 -11.78 -6.13
CA LYS A 165 -23.06 -12.35 -6.26
C LYS A 165 -23.78 -11.94 -7.56
N MET A 166 -23.58 -10.71 -8.02
CA MET A 166 -24.15 -10.29 -9.29
C MET A 166 -23.57 -11.14 -10.41
N THR A 167 -22.24 -11.33 -10.40
CA THR A 167 -21.57 -12.05 -11.48
C THR A 167 -21.90 -13.54 -11.44
N GLU A 168 -22.02 -14.09 -10.24
CA GLU A 168 -22.43 -15.50 -10.09
C GLU A 168 -23.79 -15.72 -10.73
N ALA A 169 -24.72 -14.80 -10.46
CA ALA A 169 -26.07 -14.89 -11.02
C ALA A 169 -26.04 -14.87 -12.53
N VAL A 170 -25.32 -13.91 -13.09
CA VAL A 170 -25.23 -13.73 -14.54
C VAL A 170 -24.48 -14.89 -15.20
N ALA A 171 -23.46 -15.41 -14.53
CA ALA A 171 -22.73 -16.59 -15.02
C ALA A 171 -23.67 -17.77 -15.24
N CYS A 172 -24.56 -17.98 -14.28
CA CYS A 172 -25.58 -19.02 -14.39
C CYS A 172 -26.58 -18.74 -15.52
N GLU A 173 -27.07 -17.50 -15.59
CA GLU A 173 -27.97 -17.07 -16.66
C GLU A 173 -27.39 -17.33 -18.06
N CYS A 174 -26.06 -17.25 -18.20
CA CYS A 174 -25.42 -17.36 -19.50
C CYS A 174 -25.05 -18.79 -19.89
N GLU A 175 -25.22 -19.75 -18.99
CA GLU A 175 -24.94 -21.15 -19.32
C GLU A 175 -25.83 -21.60 -20.46
N GLY A 176 -25.22 -22.18 -21.48
CA GLY A 176 -25.96 -22.61 -22.66
C GLY A 176 -26.29 -21.49 -23.61
N THR A 177 -25.69 -20.31 -23.42
CA THR A 177 -25.66 -19.26 -24.44
C THR A 177 -24.25 -19.10 -24.95
N GLY A 178 -24.09 -18.25 -25.97
CA GLY A 178 -22.78 -17.92 -26.52
C GLY A 178 -21.95 -16.93 -25.72
N VAL A 179 -22.47 -16.46 -24.59
CA VAL A 179 -21.73 -15.54 -23.73
C VAL A 179 -21.20 -16.34 -22.54
N ASP A 180 -19.91 -16.21 -22.25
CA ASP A 180 -19.25 -16.89 -21.13
C ASP A 180 -18.91 -15.88 -20.04
N VAL A 181 -19.43 -16.09 -18.83
CA VAL A 181 -19.24 -15.17 -17.74
C VAL A 181 -18.66 -15.91 -16.56
N GLU A 182 -17.71 -15.30 -15.88
CA GLU A 182 -17.04 -15.85 -14.72
C GLU A 182 -16.71 -14.74 -13.75
N VAL A 183 -16.77 -15.06 -12.47
CA VAL A 183 -16.13 -14.23 -11.45
C VAL A 183 -14.92 -14.96 -10.88
N ILE A 184 -13.81 -14.25 -10.77
CA ILE A 184 -12.61 -14.77 -10.14
C ILE A 184 -12.39 -13.95 -8.87
N THR A 185 -12.28 -14.65 -7.74
CA THR A 185 -12.14 -14.04 -6.43
C THR A 185 -10.68 -14.14 -5.99
N LEU A 186 -10.05 -12.99 -5.75
CA LEU A 186 -8.61 -12.92 -5.46
C LEU A 186 -8.37 -12.81 -3.99
N GLY A 187 -7.25 -13.33 -3.54
CA GLY A 187 -6.77 -13.10 -2.20
C GLY A 187 -5.65 -12.09 -2.32
N THR A 188 -4.65 -12.26 -1.48
CA THR A 188 -3.50 -11.38 -1.51
C THR A 188 -2.70 -11.62 -2.79
N THR A 189 -2.46 -10.54 -3.52
CA THR A 189 -1.88 -10.56 -4.85
C THR A 189 -0.64 -9.68 -4.86
N LEU A 190 0.41 -10.14 -5.53
CA LEU A 190 1.67 -9.41 -5.61
C LEU A 190 1.50 -8.19 -6.51
N THR A 191 1.49 -7.01 -5.90
CA THR A 191 1.41 -5.74 -6.58
C THR A 191 2.54 -4.84 -6.06
N PRO A 192 2.77 -3.68 -6.70
CA PRO A 192 3.71 -2.71 -6.10
C PRO A 192 3.11 -2.12 -4.82
N SER A 193 1.79 -1.91 -4.83
CA SER A 193 0.99 -1.66 -3.63
C SER A 193 1.45 -2.56 -2.46
N LEU A 194 1.49 -3.87 -2.69
CA LEU A 194 1.89 -4.83 -1.66
C LEU A 194 3.37 -4.74 -1.32
N LEU A 195 4.23 -4.88 -2.33
CA LEU A 195 5.70 -4.93 -2.13
C LEU A 195 6.26 -3.72 -1.39
N SER A 196 5.68 -2.54 -1.62
CA SER A 196 6.09 -1.31 -0.94
C SER A 196 5.61 -1.22 0.52
N ASN A 197 4.75 -2.15 0.95
CA ASN A 197 4.46 -2.35 2.37
C ASN A 197 5.17 -3.61 2.92
N LEU A 198 6.13 -4.17 2.17
CA LEU A 198 6.92 -5.33 2.62
C LEU A 198 8.42 -5.02 2.65
N PRO A 199 8.82 -3.90 3.29
CA PRO A 199 10.23 -3.44 3.20
C PRO A 199 11.28 -4.44 3.66
N GLY A 200 10.91 -5.41 4.49
CA GLY A 200 11.84 -6.51 4.74
C GLY A 200 11.29 -7.56 5.65
N GLY A 201 12.16 -8.51 5.98
CA GLY A 201 11.93 -9.46 7.05
C GLY A 201 11.47 -10.81 6.56
N PRO A 202 11.51 -11.83 7.45
CA PRO A 202 10.93 -13.13 7.13
C PRO A 202 9.40 -13.05 6.95
N GLN A 203 8.77 -12.10 7.64
CA GLN A 203 7.34 -11.80 7.42
C GLN A 203 7.04 -11.30 6.00
N GLY A 204 7.96 -10.52 5.41
CA GLY A 204 7.91 -10.20 3.98
C GLY A 204 7.86 -11.46 3.12
N GLU A 205 8.70 -12.43 3.48
CA GLU A 205 8.72 -13.75 2.82
C GLU A 205 7.44 -14.57 3.07
N ALA A 206 6.94 -14.54 4.31
CA ALA A 206 5.72 -15.27 4.71
C ALA A 206 4.47 -14.92 3.87
N VAL A 207 4.40 -13.69 3.39
CA VAL A 207 3.31 -13.23 2.53
C VAL A 207 3.34 -13.91 1.13
N MET A 208 4.54 -14.18 0.59
CA MET A 208 4.68 -14.86 -0.73
C MET A 208 4.29 -16.34 -0.77
N LYS A 209 4.32 -17.02 0.38
CA LYS A 209 3.76 -18.38 0.49
C LYS A 209 2.27 -18.43 0.12
N ILE A 210 1.58 -17.29 0.28
CA ILE A 210 0.15 -17.20 -0.04
C ILE A 210 -0.24 -16.03 -0.98
N ALA A 211 0.74 -15.34 -1.56
CA ALA A 211 0.44 -14.33 -2.59
C ALA A 211 0.60 -14.92 -3.98
N LEU A 212 -0.34 -14.59 -4.87
CA LEU A 212 -0.29 -15.00 -6.26
C LEU A 212 0.16 -13.83 -7.09
N THR A 213 0.76 -14.08 -8.23
CA THR A 213 1.05 -13.02 -9.19
C THR A 213 -0.21 -12.67 -9.98
N PRO A 214 -0.29 -11.42 -10.45
CA PRO A 214 -1.44 -11.06 -11.29
C PRO A 214 -1.61 -12.01 -12.49
N GLU A 215 -0.50 -12.37 -13.11
CA GLU A 215 -0.53 -13.27 -14.27
C GLU A 215 -1.13 -14.63 -13.97
N GLU A 216 -0.80 -15.22 -12.82
CA GLU A 216 -1.33 -16.53 -12.48
CA GLU A 216 -1.33 -16.55 -12.51
C GLU A 216 -2.83 -16.47 -12.20
N CYS A 217 -3.29 -15.36 -11.62
CA CYS A 217 -4.73 -15.14 -11.41
C CYS A 217 -5.47 -15.07 -12.74
N VAL A 218 -4.95 -14.25 -13.66
CA VAL A 218 -5.56 -14.13 -14.98
C VAL A 218 -5.49 -15.43 -15.77
N ASP A 219 -4.35 -16.14 -15.69
CA ASP A 219 -4.23 -17.43 -16.35
C ASP A 219 -5.31 -18.42 -15.85
N GLU A 220 -5.50 -18.48 -14.53
CA GLU A 220 -6.53 -19.38 -14.00
C GLU A 220 -7.94 -18.96 -14.45
N ALA A 221 -8.24 -17.66 -14.42
CA ALA A 221 -9.54 -17.19 -14.90
C ALA A 221 -9.82 -17.60 -16.35
N PHE A 222 -8.84 -17.46 -17.23
CA PHE A 222 -9.07 -17.82 -18.62
C PHE A 222 -9.13 -19.34 -18.83
N GLU A 223 -8.38 -20.10 -18.04
CA GLU A 223 -8.47 -21.57 -18.10
C GLU A 223 -9.87 -22.06 -17.77
N LYS A 224 -10.56 -21.39 -16.86
CA LYS A 224 -11.88 -21.81 -16.39
C LYS A 224 -13.07 -21.09 -17.03
N LEU A 225 -12.80 -20.10 -17.88
CA LEU A 225 -13.83 -19.33 -18.55
C LEU A 225 -14.67 -20.24 -19.43
N GLY A 226 -15.99 -20.20 -19.23
CA GLY A 226 -16.91 -21.10 -19.94
C GLY A 226 -17.01 -22.49 -19.35
N LYS A 227 -16.29 -22.78 -18.27
CA LYS A 227 -16.35 -24.06 -17.57
C LYS A 227 -16.85 -23.91 -16.14
N GLU A 228 -16.31 -22.93 -15.40
CA GLU A 228 -16.70 -22.71 -14.02
C GLU A 228 -17.25 -21.30 -13.90
N LEU A 229 -18.23 -21.13 -13.01
CA LEU A 229 -18.92 -19.84 -12.82
C LEU A 229 -18.18 -18.91 -11.84
N SER A 230 -17.74 -19.48 -10.75
CA SER A 230 -17.20 -18.74 -9.63
C SER A 230 -15.96 -19.46 -9.12
N VAL A 231 -14.82 -18.80 -9.25
CA VAL A 231 -13.51 -19.41 -9.02
C VAL A 231 -12.81 -18.58 -7.98
N ILE A 232 -12.19 -19.25 -7.03
CA ILE A 232 -11.28 -18.59 -6.10
C ILE A 232 -9.87 -18.83 -6.64
N ALA A 233 -9.10 -17.76 -6.87
CA ALA A 233 -7.77 -17.90 -7.45
C ALA A 233 -6.80 -18.53 -6.47
N GLY A 234 -6.15 -19.59 -6.92
CA GLY A 234 -5.09 -20.24 -6.19
C GLY A 234 -5.61 -21.34 -5.29
N GLN A 235 -4.86 -22.43 -5.21
CA GLN A 235 -5.28 -23.59 -4.43
C GLN A 235 -5.39 -23.31 -2.93
N ARG A 236 -4.38 -22.66 -2.38
CA ARG A 236 -4.37 -22.37 -0.95
C ARG A 236 -5.58 -21.54 -0.55
N ASN A 237 -5.94 -20.56 -1.38
CA ASN A 237 -7.10 -19.70 -1.08
C ASN A 237 -8.38 -20.49 -1.13
N LYS A 238 -8.53 -21.38 -2.11
CA LYS A 238 -9.72 -22.24 -2.18
C LYS A 238 -9.89 -23.06 -0.90
N ASP A 239 -8.80 -23.69 -0.50
CA ASP A 239 -8.81 -24.56 0.67
C ASP A 239 -9.00 -23.77 1.97
N SER A 240 -8.45 -22.57 2.03
CA SER A 240 -8.61 -21.71 3.20
C SER A 240 -10.08 -21.31 3.35
N VAL A 241 -10.68 -20.85 2.26
CA VAL A 241 -12.10 -20.50 2.27
C VAL A 241 -12.94 -21.71 2.67
N HIS A 242 -12.61 -22.87 2.12
CA HIS A 242 -13.37 -24.07 2.43
C HIS A 242 -13.29 -24.43 3.90
N ASP A 243 -12.11 -24.30 4.48
N ASP A 243 -12.08 -24.31 4.47
CA ASP A 243 -11.92 -24.62 5.89
CA ASP A 243 -11.86 -24.56 5.89
C ASP A 243 -12.67 -23.65 6.81
C ASP A 243 -12.71 -23.65 6.77
N TRP A 244 -12.67 -22.35 6.48
CA TRP A 244 -13.51 -21.39 7.20
C TRP A 244 -15.01 -21.74 7.09
N LYS A 245 -15.46 -22.07 5.89
CA LYS A 245 -16.86 -22.36 5.63
C LYS A 245 -17.31 -23.62 6.36
N ALA A 246 -16.47 -24.64 6.32
CA ALA A 246 -16.84 -25.97 6.79
C ALA A 246 -16.64 -26.15 8.28
N ASN A 247 -15.62 -25.51 8.85
CA ASN A 247 -15.18 -25.82 10.22
C ASN A 247 -15.35 -24.70 11.24
N HIS A 248 -15.89 -23.55 10.82
CA HIS A 248 -16.01 -22.42 11.73
C HIS A 248 -17.34 -21.76 11.51
N THR A 249 -17.80 -21.03 12.51
CA THR A 249 -19.02 -20.26 12.36
C THR A 249 -18.69 -19.03 11.53
N GLU A 250 -19.73 -18.39 11.01
CA GLU A 250 -19.56 -17.12 10.33
C GLU A 250 -18.89 -16.09 11.23
N ASP A 251 -19.36 -16.02 12.49
CA ASP A 251 -18.78 -15.08 13.45
C ASP A 251 -17.27 -15.26 13.66
N GLU A 252 -16.81 -16.51 13.71
CA GLU A 252 -15.39 -16.76 13.88
C GLU A 252 -14.58 -16.18 12.74
N TYR A 253 -15.10 -16.30 11.53
CA TYR A 253 -14.42 -15.82 10.33
C TYR A 253 -14.37 -14.29 10.34
N ILE A 254 -15.49 -13.67 10.67
CA ILE A 254 -15.55 -12.20 10.78
C ILE A 254 -14.56 -11.70 11.83
N ARG A 255 -14.63 -12.33 12.99
CA ARG A 255 -13.81 -11.93 14.14
C ARG A 255 -12.34 -12.09 13.86
N TYR A 256 -11.98 -13.13 13.11
CA TYR A 256 -10.60 -13.34 12.68
C TYR A 256 -10.13 -12.18 11.82
N MET A 257 -10.96 -11.78 10.85
CA MET A 257 -10.66 -10.62 10.04
C MET A 257 -10.50 -9.34 10.84
N GLY A 258 -11.31 -9.16 11.87
CA GLY A 258 -11.27 -7.95 12.68
C GLY A 258 -10.19 -7.96 13.76
N SER A 259 -9.64 -9.14 14.06
CA SER A 259 -8.61 -9.25 15.10
C SER A 259 -7.32 -8.63 14.56
N MET B 1 12.85 8.63 36.39
CA MET B 1 12.61 9.78 35.46
C MET B 1 11.76 9.35 34.30
N ASN B 2 10.71 10.13 34.01
CA ASN B 2 10.03 10.04 32.71
C ASN B 2 10.84 10.81 31.65
N LEU B 3 10.34 10.79 30.41
CA LEU B 3 11.06 11.43 29.31
C LEU B 3 11.21 12.93 29.52
N ARG B 4 10.14 13.57 29.98
CA ARG B 4 10.16 14.99 30.36
C ARG B 4 11.33 15.32 31.31
N GLU B 5 11.43 14.55 32.40
CA GLU B 5 12.46 14.77 33.41
C GLU B 5 13.87 14.47 32.94
N LYS B 6 14.01 13.50 32.04
CA LYS B 6 15.31 13.04 31.57
C LYS B 6 15.86 13.94 30.48
N TYR B 7 15.01 14.31 29.53
CA TYR B 7 15.49 14.96 28.32
C TYR B 7 15.00 16.37 28.11
N GLY B 8 13.69 16.57 28.26
CA GLY B 8 13.13 17.94 28.18
C GLY B 8 11.66 18.00 27.91
N GLU B 9 11.17 19.22 27.72
CA GLU B 9 9.74 19.50 27.73
C GLU B 9 9.01 19.07 26.48
N TRP B 10 9.60 19.35 25.30
CA TRP B 10 8.94 19.08 24.02
C TRP B 10 9.68 18.02 23.19
N GLY B 11 8.92 17.13 22.58
CA GLY B 11 9.43 16.18 21.60
C GLY B 11 8.90 16.54 20.22
N LEU B 12 9.73 16.31 19.20
CA LEU B 12 9.43 16.68 17.82
C LEU B 12 9.37 15.41 16.97
N ILE B 13 8.20 15.12 16.42
CA ILE B 13 8.00 13.94 15.60
C ILE B 13 7.81 14.43 14.16
N LEU B 14 8.80 14.13 13.32
CA LEU B 14 8.85 14.57 11.93
C LEU B 14 8.28 13.48 11.05
N GLY B 15 7.00 13.62 10.67
CA GLY B 15 6.25 12.57 9.98
C GLY B 15 5.31 11.87 10.95
N ALA B 16 4.39 12.63 11.52
CA ALA B 16 3.64 12.22 12.72
C ALA B 16 2.34 11.46 12.45
N THR B 17 1.83 11.42 11.22
CA THR B 17 0.44 10.95 11.01
C THR B 17 0.29 9.49 10.70
N GLU B 18 1.28 8.87 10.05
CA GLU B 18 1.16 7.44 9.74
C GLU B 18 1.48 6.63 11.01
N GLY B 19 1.40 5.31 10.88
CA GLY B 19 1.55 4.38 12.00
C GLY B 19 2.70 4.63 12.96
N VAL B 20 3.92 4.63 12.45
CA VAL B 20 5.09 4.76 13.33
C VAL B 20 5.15 6.14 13.96
N GLY B 21 4.84 7.16 13.16
CA GLY B 21 4.80 8.54 13.65
C GLY B 21 3.81 8.72 14.79
N LYS B 22 2.62 8.18 14.59
CA LYS B 22 1.60 8.19 15.64
C LYS B 22 2.09 7.49 16.91
N ALA B 23 2.69 6.30 16.77
CA ALA B 23 3.21 5.58 17.95
C ALA B 23 4.23 6.42 18.73
N PHE B 24 5.13 7.11 18.03
CA PHE B 24 6.10 8.00 18.68
C PHE B 24 5.39 9.11 19.44
N CYS B 25 4.36 9.70 18.83
CA CYS B 25 3.61 10.79 19.47
C CYS B 25 2.99 10.30 20.80
N GLU B 26 2.37 9.13 20.76
CA GLU B 26 1.71 8.56 21.95
C GLU B 26 2.71 8.21 23.02
N LYS B 27 3.82 7.60 22.61
CA LYS B 27 4.88 7.23 23.53
C LYS B 27 5.49 8.42 24.28
N ILE B 28 5.81 9.51 23.58
CA ILE B 28 6.42 10.65 24.26
C ILE B 28 5.39 11.43 25.10
N ALA B 29 4.14 11.45 24.67
CA ALA B 29 3.05 12.05 25.45
C ALA B 29 2.83 11.22 26.73
N ALA B 30 2.87 9.89 26.61
CA ALA B 30 2.78 9.01 27.79
C ALA B 30 3.94 9.23 28.77
N GLY B 31 5.12 9.57 28.24
CA GLY B 31 6.30 9.90 29.03
C GLY B 31 6.37 11.35 29.51
N GLY B 32 5.27 12.07 29.35
CA GLY B 32 5.13 13.41 29.89
C GLY B 32 5.57 14.55 29.01
N MET B 33 5.96 14.27 27.76
CA MET B 33 6.40 15.33 26.84
C MET B 33 5.25 15.97 26.07
N ASN B 34 5.40 17.27 25.87
CA ASN B 34 4.57 18.01 24.91
C ASN B 34 5.04 17.59 23.51
N VAL B 35 4.14 17.61 22.51
CA VAL B 35 4.43 16.99 21.20
C VAL B 35 4.32 18.02 20.08
N VAL B 36 5.43 18.26 19.36
CA VAL B 36 5.38 18.99 18.08
C VAL B 36 5.21 17.93 16.99
N MET B 37 4.11 18.01 16.26
CA MET B 37 3.72 16.97 15.32
C MET B 37 3.74 17.61 13.95
N VAL B 38 4.58 17.06 13.06
CA VAL B 38 4.85 17.68 11.76
C VAL B 38 4.53 16.72 10.64
N GLY B 39 3.90 17.24 9.61
CA GLY B 39 3.62 16.46 8.42
C GLY B 39 2.79 17.26 7.43
N ARG B 40 2.45 16.64 6.32
CA ARG B 40 1.81 17.34 5.22
C ARG B 40 0.29 17.44 5.39
N ARG B 41 -0.29 16.44 6.04
CA ARG B 41 -1.74 16.28 6.15
C ARG B 41 -2.22 16.95 7.43
N GLU B 42 -2.52 18.24 7.33
CA GLU B 42 -2.80 19.08 8.49
C GLU B 42 -4.07 18.70 9.24
N GLU B 43 -5.12 18.32 8.51
CA GLU B 43 -6.41 17.88 9.09
C GLU B 43 -6.19 16.66 9.97
N LYS B 44 -5.52 15.66 9.40
CA LYS B 44 -5.16 14.45 10.14
C LYS B 44 -4.28 14.73 11.37
N LEU B 45 -3.33 15.67 11.25
CA LEU B 45 -2.49 16.06 12.38
C LEU B 45 -3.31 16.68 13.52
N ASN B 46 -4.24 17.54 13.16
CA ASN B 46 -5.14 18.18 14.11
C ASN B 46 -6.01 17.20 14.87
N VAL B 47 -6.51 16.18 14.17
CA VAL B 47 -7.29 15.12 14.83
C VAL B 47 -6.41 14.39 15.82
N LEU B 48 -5.22 13.95 15.38
CA LEU B 48 -4.27 13.27 16.27
C LEU B 48 -3.88 14.15 17.46
N ALA B 49 -3.68 15.45 17.22
CA ALA B 49 -3.32 16.36 18.28
C ALA B 49 -4.39 16.43 19.35
N GLY B 50 -5.64 16.49 18.90
CA GLY B 50 -6.80 16.51 19.79
C GLY B 50 -6.84 15.27 20.66
N GLU B 51 -6.70 14.11 20.03
CA GLU B 51 -6.64 12.80 20.72
C GLU B 51 -5.53 12.73 21.77
N ILE B 52 -4.33 13.23 21.42
CA ILE B 52 -3.19 13.28 22.36
C ILE B 52 -3.48 14.19 23.56
N ARG B 53 -4.03 15.38 23.30
CA ARG B 53 -4.35 16.30 24.39
C ARG B 53 -5.45 15.70 25.26
N GLU B 54 -6.46 15.11 24.63
CA GLU B 54 -7.59 14.51 25.33
C GLU B 54 -7.10 13.36 26.22
N THR B 55 -6.33 12.43 25.63
CA THR B 55 -5.84 11.25 26.37
C THR B 55 -4.78 11.57 27.41
N TYR B 56 -3.77 12.34 27.03
CA TYR B 56 -2.56 12.50 27.85
C TYR B 56 -2.45 13.82 28.56
N GLY B 57 -3.28 14.80 28.20
CA GLY B 57 -3.22 16.12 28.86
C GLY B 57 -1.90 16.85 28.72
N VAL B 58 -1.21 16.63 27.60
CA VAL B 58 0.02 17.35 27.24
C VAL B 58 -0.34 18.42 26.21
N GLU B 59 0.53 19.38 25.99
CA GLU B 59 0.33 20.39 24.93
C GLU B 59 0.76 19.81 23.60
N THR B 60 0.19 20.35 22.53
CA THR B 60 0.56 19.94 21.18
C THR B 60 0.77 21.16 20.32
N LYS B 61 1.61 21.00 19.30
CA LYS B 61 1.80 22.02 18.28
C LYS B 61 1.82 21.29 16.94
N VAL B 62 0.90 21.66 16.05
CA VAL B 62 0.79 21.04 14.73
C VAL B 62 1.54 21.95 13.76
N VAL B 63 2.43 21.38 12.95
CA VAL B 63 3.19 22.13 11.97
C VAL B 63 2.96 21.46 10.64
N ARG B 64 2.36 22.16 9.69
CA ARG B 64 2.18 21.63 8.35
C ARG B 64 3.48 21.88 7.64
N ALA B 65 4.12 20.81 7.19
CA ALA B 65 5.28 20.91 6.33
C ALA B 65 5.38 19.71 5.41
N ASP B 66 5.87 19.95 4.20
CA ASP B 66 6.07 18.90 3.20
C ASP B 66 7.57 18.75 3.04
N PHE B 67 8.11 17.61 3.47
CA PHE B 67 9.56 17.46 3.59
C PHE B 67 10.27 17.30 2.26
N SER B 68 9.49 17.14 1.21
CA SER B 68 10.01 17.11 -0.15
C SER B 68 10.33 18.51 -0.66
N GLN B 69 9.70 19.52 -0.04
CA GLN B 69 9.83 20.90 -0.50
C GLN B 69 10.96 21.65 0.18
N PRO B 70 11.68 22.49 -0.60
CA PRO B 70 12.68 23.32 0.06
C PRO B 70 12.04 24.29 1.08
N GLY B 71 12.70 24.46 2.21
CA GLY B 71 12.22 25.31 3.27
C GLY B 71 11.32 24.62 4.29
N ALA B 72 11.08 23.32 4.13
CA ALA B 72 10.31 22.56 5.13
C ALA B 72 11.00 22.57 6.50
N ALA B 73 12.29 22.26 6.52
CA ALA B 73 13.04 22.23 7.77
C ALA B 73 12.99 23.58 8.49
N GLU B 74 13.16 24.64 7.71
CA GLU B 74 13.24 25.98 8.27
C GLU B 74 11.88 26.40 8.86
N THR B 75 10.81 25.87 8.27
CA THR B 75 9.46 26.00 8.85
C THR B 75 9.35 25.36 10.22
N VAL B 76 9.85 24.13 10.32
CA VAL B 76 9.87 23.43 11.61
C VAL B 76 10.68 24.18 12.66
N PHE B 77 11.85 24.69 12.28
CA PHE B 77 12.72 25.38 13.23
C PHE B 77 12.04 26.63 13.81
N ALA B 78 11.32 27.35 12.94
CA ALA B 78 10.58 28.52 13.40
C ALA B 78 9.52 28.14 14.46
N ALA B 79 8.85 27.02 14.25
CA ALA B 79 7.85 26.50 15.18
C ALA B 79 8.40 26.06 16.55
N THR B 80 9.66 25.65 16.63
CA THR B 80 10.23 25.17 17.89
C THR B 80 11.06 26.21 18.62
N GLU B 81 11.23 27.37 18.02
CA GLU B 81 12.01 28.42 18.62
C GLU B 81 11.37 28.80 19.97
N GLY B 82 12.19 28.86 21.01
CA GLY B 82 11.74 29.20 22.36
C GLY B 82 11.18 28.02 23.14
N LEU B 83 11.01 26.85 22.52
CA LEU B 83 10.55 25.66 23.25
C LEU B 83 11.75 24.94 23.87
N ASP B 84 11.59 24.41 25.08
CA ASP B 84 12.62 23.56 25.67
C ASP B 84 12.47 22.19 24.98
N MET B 85 13.45 21.81 24.17
CA MET B 85 13.39 20.57 23.38
C MET B 85 14.13 19.43 24.08
N GLY B 86 13.48 18.26 24.13
CA GLY B 86 14.05 17.06 24.69
C GLY B 86 14.26 15.91 23.70
N PHE B 87 13.50 15.87 22.60
CA PHE B 87 13.46 14.67 21.77
C PHE B 87 13.18 15.02 20.33
N MET B 88 13.79 14.27 19.41
CA MET B 88 13.44 14.35 17.98
C MET B 88 13.41 12.94 17.41
N SER B 89 12.43 12.65 16.55
CA SER B 89 12.45 11.45 15.72
C SER B 89 12.15 11.83 14.27
N TYR B 90 13.06 11.46 13.36
CA TYR B 90 12.78 11.52 11.92
C TYR B 90 12.15 10.22 11.44
N VAL B 91 10.86 10.32 11.10
CA VAL B 91 10.04 9.17 10.68
C VAL B 91 9.69 9.19 9.20
N ALA B 92 9.55 10.38 8.64
CA ALA B 92 9.10 10.57 7.26
C ALA B 92 9.98 9.88 6.28
N CYS B 93 9.36 9.35 5.24
N CYS B 93 9.37 9.35 5.22
CA CYS B 93 10.09 8.75 4.16
CA CYS B 93 10.11 8.66 4.17
C CYS B 93 9.30 8.96 2.87
C CYS B 93 9.29 8.68 2.88
N LEU B 94 9.99 8.84 1.75
CA LEU B 94 9.33 8.93 0.45
C LEU B 94 10.04 7.91 -0.43
N HIS B 95 9.26 7.05 -1.08
CA HIS B 95 9.80 6.13 -2.05
C HIS B 95 8.90 6.10 -3.28
N SER B 96 9.40 5.48 -4.33
CA SER B 96 8.72 5.50 -5.62
C SER B 96 9.20 4.32 -6.43
N PHE B 97 8.28 3.42 -6.76
CA PHE B 97 8.64 2.26 -7.53
C PHE B 97 9.13 2.66 -8.93
N GLY B 98 10.19 2.00 -9.39
CA GLY B 98 10.73 2.20 -10.72
C GLY B 98 12.23 2.02 -10.77
N LYS B 99 12.71 1.53 -11.91
CA LYS B 99 14.14 1.59 -12.18
C LYS B 99 14.64 3.02 -12.14
N ILE B 100 15.91 3.20 -11.77
CA ILE B 100 16.45 4.56 -11.66
C ILE B 100 16.10 5.46 -12.85
N GLN B 101 16.26 4.95 -14.07
CA GLN B 101 16.03 5.76 -15.28
C GLN B 101 14.55 6.06 -15.58
N ASP B 102 13.65 5.29 -14.99
CA ASP B 102 12.21 5.42 -15.21
C ASP B 102 11.55 6.35 -14.23
N THR B 103 12.29 6.78 -13.21
CA THR B 103 11.77 7.73 -12.26
C THR B 103 12.24 9.13 -12.70
N PRO B 104 11.29 10.07 -12.88
CA PRO B 104 11.67 11.40 -13.31
C PRO B 104 12.59 12.15 -12.29
N TRP B 105 13.44 13.05 -12.76
CA TRP B 105 14.44 13.71 -11.89
C TRP B 105 13.74 14.45 -10.74
N GLU B 106 12.62 15.09 -11.05
CA GLU B 106 11.89 15.84 -10.03
C GLU B 106 11.50 14.96 -8.84
N LYS B 107 11.07 13.74 -9.13
CA LYS B 107 10.75 12.78 -8.11
C LYS B 107 12.02 12.33 -7.37
N HIS B 108 13.11 12.10 -8.11
CA HIS B 108 14.38 11.78 -7.43
C HIS B 108 14.79 12.90 -6.45
N GLU B 109 14.62 14.15 -6.87
CA GLU B 109 15.03 15.26 -6.01
C GLU B 109 14.10 15.37 -4.77
N ALA B 110 12.84 15.02 -4.94
CA ALA B 110 11.90 14.98 -3.82
C ALA B 110 12.32 13.94 -2.79
N MET B 111 12.71 12.76 -3.27
CA MET B 111 13.15 11.70 -2.39
C MET B 111 14.43 12.09 -1.67
N ILE B 112 15.37 12.71 -2.39
CA ILE B 112 16.57 13.21 -1.76
C ILE B 112 16.22 14.19 -0.64
N ASN B 113 15.28 15.08 -0.91
CA ASN B 113 14.89 16.05 0.11
C ASN B 113 14.23 15.40 1.32
N VAL B 114 13.34 14.44 1.10
CA VAL B 114 12.69 13.79 2.25
C VAL B 114 13.68 12.94 3.06
N ASN B 115 14.44 12.09 2.38
CA ASN B 115 15.22 11.04 3.05
C ASN B 115 16.61 11.46 3.49
N VAL B 116 17.15 12.49 2.85
CA VAL B 116 18.50 12.94 3.11
C VAL B 116 18.56 14.39 3.60
N VAL B 117 18.09 15.34 2.80
CA VAL B 117 18.33 16.76 3.08
C VAL B 117 17.51 17.28 4.26
N THR B 118 16.19 17.10 4.24
CA THR B 118 15.36 17.57 5.36
C THR B 118 15.73 16.79 6.62
N PHE B 119 15.94 15.47 6.44
CA PHE B 119 16.48 14.65 7.52
C PHE B 119 17.69 15.30 8.18
N LEU B 120 18.73 15.54 7.39
CA LEU B 120 19.99 16.00 7.97
C LEU B 120 19.90 17.43 8.53
N LYS B 121 19.14 18.29 7.87
CA LYS B 121 18.91 19.63 8.40
C LYS B 121 18.32 19.59 9.81
N CYS B 122 17.29 18.77 9.97
CA CYS B 122 16.64 18.62 11.29
C CYS B 122 17.61 17.97 12.29
N PHE B 123 18.28 16.91 11.86
CA PHE B 123 19.20 16.19 12.76
C PHE B 123 20.30 17.11 13.27
N HIS B 124 20.89 17.88 12.37
CA HIS B 124 21.95 18.86 12.68
C HIS B 124 21.44 19.97 13.61
N HIS B 125 20.33 20.59 13.24
CA HIS B 125 19.73 21.67 14.03
C HIS B 125 19.43 21.27 15.47
N TYR B 126 18.75 20.14 15.65
CA TYR B 126 18.35 19.67 17.00
C TYR B 126 19.53 19.07 17.77
N MET B 127 20.48 18.42 17.08
CA MET B 127 21.69 18.02 17.77
C MET B 127 22.49 19.19 18.31
N ARG B 128 22.49 20.33 17.60
CA ARG B 128 23.16 21.50 18.14
C ARG B 128 22.51 21.92 19.47
N ILE B 129 21.18 21.88 19.52
CA ILE B 129 20.43 22.25 20.71
C ILE B 129 20.71 21.25 21.85
N PHE B 130 20.56 19.96 21.57
CA PHE B 130 20.78 18.93 22.59
C PHE B 130 22.22 18.93 23.13
N ALA B 131 23.20 19.01 22.23
CA ALA B 131 24.59 18.98 22.63
C ALA B 131 24.96 20.18 23.51
N ALA B 132 24.45 21.36 23.17
CA ALA B 132 24.77 22.61 23.91
C ALA B 132 24.23 22.59 25.34
N GLN B 133 23.03 22.03 25.51
CA GLN B 133 22.42 21.85 26.84
C GLN B 133 22.81 20.50 27.49
N ASP B 134 23.59 19.68 26.79
CA ASP B 134 23.98 18.32 27.23
C ASP B 134 22.81 17.47 27.75
N ARG B 135 21.68 17.53 27.06
CA ARG B 135 20.56 16.64 27.31
C ARG B 135 19.62 16.63 26.12
N GLY B 136 19.10 15.45 25.83
CA GLY B 136 18.18 15.28 24.73
C GLY B 136 18.28 13.87 24.21
N ALA B 137 17.40 13.55 23.30
CA ALA B 137 17.39 12.24 22.71
C ALA B 137 16.93 12.31 21.27
N VAL B 138 17.46 11.39 20.45
CA VAL B 138 17.05 11.27 19.07
C VAL B 138 16.88 9.79 18.80
N ILE B 139 15.72 9.39 18.28
CA ILE B 139 15.55 8.05 17.72
C ILE B 139 15.12 8.27 16.27
N ASN B 140 15.99 7.93 15.33
CA ASN B 140 15.63 7.96 13.91
C ASN B 140 15.25 6.59 13.41
N VAL B 141 14.37 6.56 12.42
CA VAL B 141 13.79 5.34 11.88
C VAL B 141 14.45 5.02 10.54
N SER B 142 15.05 3.85 10.46
CA SER B 142 15.50 3.31 9.19
C SER B 142 14.70 2.05 8.80
N SER B 143 15.12 1.41 7.72
CA SER B 143 14.40 0.32 7.09
C SER B 143 15.36 -0.79 6.74
N MET B 144 14.86 -2.03 6.77
CA MET B 144 15.69 -3.16 6.36
C MET B 144 16.18 -3.00 4.90
N THR B 145 15.48 -2.22 4.08
CA THR B 145 15.96 -1.87 2.73
C THR B 145 17.30 -1.12 2.73
N GLY B 146 17.59 -0.41 3.81
CA GLY B 146 18.90 0.25 3.95
C GLY B 146 20.04 -0.74 4.17
N ILE B 147 19.69 -1.97 4.54
CA ILE B 147 20.63 -3.07 4.71
C ILE B 147 20.71 -3.92 3.45
N SER B 148 19.55 -4.33 2.91
CA SER B 148 19.49 -5.23 1.76
C SER B 148 19.70 -4.56 0.40
N SER B 149 19.45 -3.26 0.33
CA SER B 149 19.15 -2.55 -0.93
C SER B 149 17.72 -2.83 -1.39
N SER B 150 17.23 -1.98 -2.29
CA SER B 150 15.86 -2.06 -2.79
C SER B 150 15.79 -1.89 -4.31
N PRO B 151 16.21 -2.93 -5.05
CA PRO B 151 16.05 -2.96 -6.52
C PRO B 151 14.62 -2.61 -6.93
N TRP B 152 14.48 -1.80 -7.97
CA TRP B 152 13.21 -1.20 -8.44
C TRP B 152 12.59 -0.17 -7.50
N ASN B 153 13.34 0.26 -6.49
CA ASN B 153 12.94 1.35 -5.61
C ASN B 153 14.21 1.84 -4.94
N GLY B 154 15.22 2.09 -5.76
CA GLY B 154 16.60 2.25 -5.28
C GLY B 154 16.82 3.29 -4.24
N GLN B 155 16.21 4.45 -4.44
CA GLN B 155 16.37 5.56 -3.50
C GLN B 155 15.80 5.33 -2.11
N TYR B 156 14.83 4.44 -1.97
CA TYR B 156 14.31 4.06 -0.66
C TYR B 156 15.44 3.47 0.19
N GLY B 157 16.05 2.40 -0.28
CA GLY B 157 17.16 1.78 0.41
C GLY B 157 18.30 2.73 0.61
N ALA B 158 18.62 3.51 -0.42
CA ALA B 158 19.76 4.42 -0.36
C ALA B 158 19.57 5.49 0.71
N GLY B 159 18.38 6.11 0.70
CA GLY B 159 18.06 7.12 1.68
C GLY B 159 17.99 6.57 3.09
N LYS B 160 17.39 5.40 3.24
CA LYS B 160 17.36 4.77 4.55
C LYS B 160 18.75 4.35 5.07
N ALA B 161 19.64 3.97 4.15
CA ALA B 161 21.03 3.69 4.52
C ALA B 161 21.80 4.95 4.94
N PHE B 162 21.49 6.08 4.31
CA PHE B 162 22.06 7.37 4.72
C PHE B 162 21.64 7.68 6.16
N ILE B 163 20.34 7.54 6.43
CA ILE B 163 19.82 7.76 7.78
C ILE B 163 20.45 6.79 8.79
N LEU B 164 20.52 5.53 8.42
CA LEU B 164 21.10 4.49 9.27
C LEU B 164 22.53 4.84 9.67
N LYS B 165 23.41 5.05 8.68
CA LYS B 165 24.82 5.22 8.97
C LYS B 165 25.10 6.56 9.60
N MET B 166 24.36 7.60 9.20
CA MET B 166 24.51 8.91 9.88
C MET B 166 24.15 8.78 11.35
N THR B 167 23.03 8.14 11.64
CA THR B 167 22.55 8.04 13.01
C THR B 167 23.46 7.11 13.85
N GLU B 168 23.98 6.04 13.23
CA GLU B 168 24.94 5.19 13.91
C GLU B 168 26.16 5.98 14.36
N ALA B 169 26.69 6.78 13.44
CA ALA B 169 27.87 7.59 13.74
C ALA B 169 27.62 8.53 14.94
N VAL B 170 26.49 9.24 14.89
CA VAL B 170 26.13 10.20 15.91
C VAL B 170 25.83 9.49 17.23
N ALA B 171 25.15 8.34 17.18
CA ALA B 171 24.90 7.54 18.37
C ALA B 171 26.20 7.25 19.14
N CYS B 172 27.25 6.91 18.41
CA CYS B 172 28.57 6.67 19.00
C CYS B 172 29.21 7.95 19.59
N GLU B 173 29.12 9.02 18.82
CA GLU B 173 29.62 10.33 19.26
C GLU B 173 29.00 10.77 20.59
N CYS B 174 27.75 10.38 20.81
CA CYS B 174 27.01 10.82 22.00
C CYS B 174 27.18 9.94 23.23
N GLU B 175 27.82 8.78 23.08
CA GLU B 175 28.07 7.91 24.25
C GLU B 175 28.92 8.64 25.30
N GLY B 176 28.50 8.57 26.56
CA GLY B 176 29.17 9.31 27.61
C GLY B 176 28.82 10.78 27.66
N THR B 177 27.78 11.19 26.92
CA THR B 177 27.25 12.55 27.01
C THR B 177 25.82 12.41 27.48
N GLY B 178 25.20 13.55 27.79
CA GLY B 178 23.80 13.61 28.19
C GLY B 178 22.80 13.48 27.06
N VAL B 179 23.28 13.36 25.82
CA VAL B 179 22.41 13.17 24.68
C VAL B 179 22.45 11.68 24.34
N ASP B 180 21.28 11.07 24.18
CA ASP B 180 21.14 9.68 23.83
C ASP B 180 20.56 9.55 22.43
N VAL B 181 21.32 8.93 21.53
CA VAL B 181 20.89 8.79 20.14
C VAL B 181 20.85 7.33 19.77
N GLU B 182 19.82 6.97 19.00
CA GLU B 182 19.59 5.59 18.55
C GLU B 182 18.97 5.59 17.17
N VAL B 183 19.31 4.58 16.36
CA VAL B 183 18.53 4.27 15.15
C VAL B 183 17.86 2.91 15.32
N ILE B 184 16.57 2.88 15.00
CA ILE B 184 15.78 1.66 15.02
C ILE B 184 15.45 1.37 13.56
N THR B 185 15.77 0.15 13.14
CA THR B 185 15.56 -0.28 11.76
C THR B 185 14.37 -1.20 11.72
N LEU B 186 13.39 -0.84 10.88
CA LEU B 186 12.12 -1.55 10.83
C LEU B 186 12.04 -2.41 9.58
N GLY B 187 11.42 -3.57 9.74
CA GLY B 187 11.00 -4.39 8.60
C GLY B 187 9.53 -4.11 8.36
N THR B 188 8.81 -5.12 7.90
CA THR B 188 7.36 -5.02 7.67
C THR B 188 6.61 -4.87 8.99
N THR B 189 5.80 -3.82 9.10
CA THR B 189 5.11 -3.50 10.34
C THR B 189 3.58 -3.55 10.13
N LEU B 190 2.88 -4.01 11.16
CA LEU B 190 1.43 -4.17 11.14
C LEU B 190 0.73 -2.80 11.19
N THR B 191 0.33 -2.29 10.03
CA THR B 191 -0.40 -1.03 9.91
C THR B 191 -1.67 -1.23 9.05
N PRO B 192 -2.64 -0.29 9.15
CA PRO B 192 -3.82 -0.39 8.28
C PRO B 192 -3.47 -0.47 6.79
N SER B 193 -2.45 0.28 6.40
CA SER B 193 -1.93 0.27 5.03
C SER B 193 -1.46 -1.14 4.59
N LEU B 194 -0.78 -1.88 5.46
CA LEU B 194 -0.40 -3.27 5.14
C LEU B 194 -1.64 -4.17 5.07
N LEU B 195 -2.48 -4.09 6.09
CA LEU B 195 -3.64 -4.97 6.21
C LEU B 195 -4.64 -4.82 5.06
N SER B 196 -4.80 -3.59 4.56
CA SER B 196 -5.61 -3.35 3.38
C SER B 196 -5.06 -4.04 2.12
N ASN B 197 -3.76 -4.31 2.08
CA ASN B 197 -3.13 -5.07 0.97
C ASN B 197 -3.01 -6.58 1.22
N LEU B 198 -3.67 -7.07 2.26
CA LEU B 198 -3.67 -8.49 2.57
C LEU B 198 -5.11 -9.01 2.64
N PRO B 199 -5.88 -8.83 1.53
CA PRO B 199 -7.29 -9.23 1.57
C PRO B 199 -7.53 -10.72 1.80
N GLY B 200 -6.60 -11.57 1.35
CA GLY B 200 -6.72 -13.01 1.53
C GLY B 200 -5.81 -13.61 2.58
N GLY B 201 -5.30 -12.77 3.49
CA GLY B 201 -4.38 -13.21 4.55
C GLY B 201 -2.92 -12.89 4.26
N PRO B 202 -2.02 -13.18 5.23
CA PRO B 202 -2.40 -13.57 6.59
C PRO B 202 -3.08 -12.39 7.30
N GLN B 203 -4.04 -12.70 8.17
CA GLN B 203 -4.84 -11.70 8.87
C GLN B 203 -5.00 -12.11 10.33
N ALA B 211 5.04 -10.04 12.22
CA ALA B 211 5.35 -8.61 12.24
C ALA B 211 5.03 -7.96 13.59
N LEU B 212 5.65 -6.79 13.80
CA LEU B 212 5.38 -5.98 14.98
C LEU B 212 4.44 -4.85 14.60
N THR B 213 3.76 -4.36 15.61
CA THR B 213 3.00 -3.15 15.47
C THR B 213 3.96 -1.99 15.62
N PRO B 214 3.57 -0.81 15.15
CA PRO B 214 4.38 0.38 15.45
C PRO B 214 4.63 0.57 16.94
N GLU B 215 3.59 0.33 17.76
CA GLU B 215 3.71 0.46 19.22
C GLU B 215 4.83 -0.43 19.77
N GLU B 216 4.88 -1.66 19.30
CA GLU B 216 5.93 -2.61 19.71
C GLU B 216 7.34 -2.15 19.28
N CYS B 217 7.46 -1.62 18.06
CA CYS B 217 8.74 -1.09 17.58
C CYS B 217 9.20 0.09 18.40
N VAL B 218 8.29 1.02 18.67
CA VAL B 218 8.61 2.20 19.46
C VAL B 218 8.94 1.80 20.89
N ASP B 219 8.20 0.85 21.45
CA ASP B 219 8.51 0.35 22.80
C ASP B 219 9.93 -0.21 22.89
N GLU B 220 10.32 -1.02 21.89
CA GLU B 220 11.69 -1.57 21.84
C GLU B 220 12.71 -0.45 21.73
N ALA B 221 12.45 0.53 20.88
CA ALA B 221 13.41 1.64 20.70
C ALA B 221 13.66 2.40 22.01
N PHE B 222 12.60 2.68 22.76
CA PHE B 222 12.74 3.45 24.00
C PHE B 222 13.35 2.61 25.12
N GLU B 223 13.08 1.31 25.12
CA GLU B 223 13.75 0.39 26.05
C GLU B 223 15.27 0.39 25.88
N LYS B 224 15.74 0.57 24.65
CA LYS B 224 17.16 0.49 24.34
C LYS B 224 17.87 1.82 24.22
N LEU B 225 17.12 2.92 24.34
CA LEU B 225 17.66 4.28 24.19
C LEU B 225 18.67 4.54 25.27
N GLY B 226 19.86 4.94 24.85
CA GLY B 226 20.97 5.15 25.77
C GLY B 226 21.70 3.88 26.17
N LYS B 227 21.29 2.74 25.64
CA LYS B 227 21.94 1.46 25.91
C LYS B 227 22.54 0.90 24.62
N GLU B 228 21.74 0.88 23.55
CA GLU B 228 22.16 0.33 22.27
C GLU B 228 22.09 1.44 21.23
N LEU B 229 23.02 1.44 20.30
CA LEU B 229 23.12 2.47 19.25
C LEU B 229 22.25 2.19 18.02
N SER B 230 22.28 0.96 17.57
CA SER B 230 21.66 0.55 16.32
C SER B 230 20.89 -0.73 16.52
N VAL B 231 19.57 -0.64 16.49
CA VAL B 231 18.68 -1.75 16.84
C VAL B 231 17.86 -2.16 15.64
N ILE B 232 17.70 -3.47 15.45
CA ILE B 232 16.76 -3.96 14.46
C ILE B 232 15.52 -4.42 15.25
N ALA B 233 14.36 -3.86 14.91
CA ALA B 233 13.13 -4.15 15.64
C ALA B 233 12.67 -5.57 15.37
N GLY B 234 12.48 -6.32 16.45
CA GLY B 234 11.88 -7.65 16.40
C GLY B 234 12.93 -8.74 16.37
N GLN B 235 12.70 -9.83 17.10
CA GLN B 235 13.70 -10.87 17.19
C GLN B 235 13.89 -11.58 15.84
N ARG B 236 12.79 -11.87 15.17
CA ARG B 236 12.85 -12.56 13.88
C ARG B 236 13.64 -11.75 12.86
N ASN B 237 13.45 -10.43 12.85
CA ASN B 237 14.18 -9.57 11.92
C ASN B 237 15.68 -9.55 12.26
N LYS B 238 16.03 -9.47 13.54
CA LYS B 238 17.44 -9.54 13.95
C LYS B 238 18.09 -10.83 13.42
N ASP B 239 17.41 -11.97 13.61
CA ASP B 239 17.92 -13.28 13.20
C ASP B 239 18.04 -13.38 11.67
N SER B 240 17.05 -12.86 10.97
CA SER B 240 17.04 -12.86 9.52
C SER B 240 18.19 -12.03 8.95
N VAL B 241 18.38 -10.82 9.48
CA VAL B 241 19.50 -10.01 9.02
C VAL B 241 20.84 -10.69 9.37
N HIS B 242 20.96 -11.24 10.57
CA HIS B 242 22.18 -12.01 10.91
C HIS B 242 22.50 -13.07 9.86
N ASP B 243 21.49 -13.86 9.53
CA ASP B 243 21.69 -14.97 8.62
C ASP B 243 22.04 -14.52 7.22
N TRP B 244 21.41 -13.45 6.76
CA TRP B 244 21.79 -12.87 5.45
C TRP B 244 23.21 -12.38 5.45
N LYS B 245 23.59 -11.68 6.52
CA LYS B 245 24.95 -11.14 6.69
C LYS B 245 26.00 -12.27 6.75
N ALA B 246 25.73 -13.27 7.58
CA ALA B 246 26.72 -14.30 7.90
C ALA B 246 26.79 -15.42 6.89
N ASN B 247 25.64 -15.85 6.36
CA ASN B 247 25.52 -17.11 5.61
C ASN B 247 25.44 -16.95 4.09
N HIS B 248 25.43 -15.70 3.60
CA HIS B 248 25.20 -15.41 2.21
C HIS B 248 26.10 -14.28 1.76
N THR B 249 26.34 -14.23 0.46
CA THR B 249 27.08 -13.08 -0.10
C THR B 249 26.16 -11.86 -0.16
N GLU B 250 26.78 -10.70 -0.30
CA GLU B 250 26.00 -9.47 -0.50
C GLU B 250 25.13 -9.58 -1.76
N ASP B 251 25.70 -10.12 -2.84
CA ASP B 251 24.93 -10.27 -4.10
C ASP B 251 23.67 -11.13 -3.92
N GLU B 252 23.77 -12.23 -3.17
CA GLU B 252 22.60 -13.06 -2.96
C GLU B 252 21.45 -12.29 -2.30
N TYR B 253 21.80 -11.48 -1.31
CA TYR B 253 20.82 -10.68 -0.58
C TYR B 253 20.15 -9.65 -1.51
N ILE B 254 20.97 -8.99 -2.33
CA ILE B 254 20.46 -8.01 -3.28
C ILE B 254 19.52 -8.71 -4.28
N ARG B 255 19.97 -9.80 -4.87
CA ARG B 255 19.14 -10.54 -5.84
C ARG B 255 17.85 -11.06 -5.24
N TYR B 256 17.91 -11.46 -3.98
CA TYR B 256 16.70 -11.90 -3.29
C TYR B 256 15.67 -10.77 -3.23
N MET B 257 16.11 -9.58 -2.89
CA MET B 257 15.22 -8.42 -2.86
C MET B 257 14.64 -8.09 -4.22
N GLY B 258 15.43 -8.25 -5.27
CA GLY B 258 15.00 -7.95 -6.61
C GLY B 258 14.04 -8.99 -7.21
N SER B 259 14.09 -10.22 -6.72
CA SER B 259 13.45 -11.38 -7.39
C SER B 259 11.95 -11.26 -7.67
C1 GOL C . -24.12 13.15 -19.75
O1 GOL C . -23.31 13.38 -20.90
C2 GOL C . -23.44 12.27 -18.69
O2 GOL C . -22.39 11.47 -19.24
C3 GOL C . -24.47 11.35 -18.04
O3 GOL C . -24.03 11.09 -16.72
#